data_3F5E
#
_entry.id   3F5E
#
_cell.length_a   66.325
_cell.length_b   66.325
_cell.length_c   172.091
_cell.angle_alpha   90.00
_cell.angle_beta   90.00
_cell.angle_gamma   90.00
#
_symmetry.space_group_name_H-M   'P 43 21 2'
#
loop_
_entity.id
_entity.type
_entity.pdbx_description
1 polymer 'Micronemal protein 1'
2 branched 'N-acetyl-alpha-neuraminic acid-(2-3)-2-deoxy-2-fluoro-beta-D-galactopyranose-(1-3)-2-acetamido-2-deoxy-beta-D-glucopyranose'
3 non-polymer 'CHLORIDE ION'
4 non-polymer 'ACETATE ION'
5 non-polymer GLYCEROL
6 water water
#
_entity_poly.entity_id   1
_entity_poly.type   'polypeptide(L)'
_entity_poly.pdbx_seq_one_letter_code
;VGPEAYGEASHSHSPASGRYIQQ(MSE)LDQRCQEIAAELCQSGLRK(MSE)CVPSSRIVARNAVGITHQNTLQWRCFDT
ASLLESNQENNGVNCVDDCGHTIPCPGGVHRQNSNHATRHEILSKLVEEGVQRFCSPYQASANKYCNDKFPGTIARRSKG
FGNNVEVAWRCYEKASLLYSVYAECASNCGTTWYCPGGRRGTSTELDKRHYTEEEGIRQAIGSVDSPCSEVEVCLPKDEN
PPLCLDESGQISRT
;
_entity_poly.pdbx_strand_id   A
#
# COMPACT_ATOMS: atom_id res chain seq x y z
N HIS A 13 0.74 -13.18 -16.07
CA HIS A 13 0.53 -12.82 -14.63
C HIS A 13 1.86 -12.58 -13.93
N SER A 14 2.06 -11.35 -13.47
CA SER A 14 3.28 -10.94 -12.80
C SER A 14 3.21 -11.29 -11.31
N PRO A 15 4.36 -11.58 -10.69
CA PRO A 15 4.47 -11.84 -9.26
C PRO A 15 4.42 -10.49 -8.52
N ALA A 16 3.28 -9.83 -8.61
CA ALA A 16 3.17 -8.46 -8.16
C ALA A 16 1.80 -8.20 -7.57
N SER A 17 1.75 -7.28 -6.61
CA SER A 17 0.49 -6.82 -6.04
C SER A 17 -0.43 -6.29 -7.11
N GLY A 18 -1.70 -6.69 -7.05
CA GLY A 18 -2.70 -6.11 -7.94
C GLY A 18 -3.25 -4.76 -7.47
N ARG A 19 -2.83 -4.32 -6.27
CA ARG A 19 -3.31 -3.05 -5.69
C ARG A 19 -4.83 -3.05 -5.65
N TYR A 20 -5.38 -4.18 -5.22
CA TYR A 20 -6.82 -4.39 -5.20
C TYR A 20 -7.52 -3.51 -4.17
N ILE A 21 -6.91 -3.28 -3.01
CA ILE A 21 -7.54 -2.38 -2.03
C ILE A 21 -7.71 -0.95 -2.60
N GLN A 22 -6.65 -0.40 -3.17
CA GLN A 22 -6.71 0.92 -3.80
C GLN A 22 -7.76 0.97 -4.90
N GLN A 23 -7.83 -0.09 -5.72
CA GLN A 23 -8.87 -0.16 -6.76
C GLN A 23 -10.28 -0.08 -6.19
N LEU A 25 -11.20 1.27 -3.32
CA LEU A 25 -11.42 2.58 -2.70
C LEU A 25 -11.74 3.61 -3.77
N ASP A 26 -11.04 3.54 -4.92
CA ASP A 26 -11.30 4.46 -6.02
C ASP A 26 -12.74 4.26 -6.53
N GLN A 27 -13.18 3.00 -6.69
CA GLN A 27 -14.53 2.70 -7.19
C GLN A 27 -15.60 3.18 -6.20
N ARG A 28 -15.35 3.00 -4.90
CA ARG A 28 -16.29 3.45 -3.90
C ARG A 28 -16.36 4.99 -3.91
N CYS A 29 -15.22 5.64 -4.07
CA CYS A 29 -15.19 7.11 -4.18
C CYS A 29 -15.92 7.62 -5.41
N GLN A 30 -15.81 6.89 -6.54
CA GLN A 30 -16.57 7.21 -7.75
C GLN A 30 -18.08 7.13 -7.54
N GLU A 31 -18.55 6.12 -6.81
CA GLU A 31 -19.95 6.02 -6.42
C GLU A 31 -20.37 7.18 -5.49
N ILE A 32 -19.53 7.49 -4.51
CA ILE A 32 -19.83 8.57 -3.56
C ILE A 32 -19.91 9.93 -4.26
N ALA A 33 -18.96 10.23 -5.14
CA ALA A 33 -19.02 11.46 -5.94
C ALA A 33 -20.33 11.53 -6.71
N ALA A 34 -20.73 10.42 -7.33
CA ALA A 34 -21.98 10.35 -8.09
C ALA A 34 -23.20 10.58 -7.21
N GLU A 35 -23.19 10.06 -5.98
CA GLU A 35 -24.28 10.28 -5.04
CA GLU A 35 -24.27 10.28 -5.03
C GLU A 35 -24.36 11.75 -4.63
N LEU A 36 -23.21 12.34 -4.33
CA LEU A 36 -23.12 13.77 -3.97
C LEU A 36 -23.61 14.66 -5.13
N CYS A 37 -23.25 14.30 -6.35
CA CYS A 37 -23.74 15.00 -7.55
C CYS A 37 -25.28 14.99 -7.56
N GLN A 38 -25.86 13.82 -7.33
CA GLN A 38 -27.33 13.67 -7.29
C GLN A 38 -27.99 14.46 -6.14
N SER A 39 -27.24 14.68 -5.07
CA SER A 39 -27.70 15.55 -3.99
C SER A 39 -27.55 17.05 -4.31
N GLY A 40 -26.97 17.36 -5.48
CA GLY A 40 -26.86 18.73 -5.95
C GLY A 40 -25.48 19.35 -5.86
N LEU A 41 -24.51 18.59 -5.35
CA LEU A 41 -23.13 19.11 -5.19
C LEU A 41 -22.43 19.11 -6.53
N ARG A 42 -22.53 20.25 -7.21
CA ARG A 42 -22.17 20.40 -8.63
C ARG A 42 -20.74 19.98 -8.96
N LYS A 43 -19.80 20.37 -8.10
CA LYS A 43 -18.38 20.08 -8.31
C LYS A 43 -18.05 18.58 -8.30
N CYS A 45 -20.01 16.33 -9.94
CA CYS A 45 -20.62 15.76 -11.15
C CYS A 45 -19.54 15.59 -12.21
N VAL A 46 -18.85 14.46 -12.16
CA VAL A 46 -17.66 14.23 -12.99
C VAL A 46 -17.59 12.79 -13.51
N PRO A 47 -16.87 12.55 -14.62
CA PRO A 47 -16.58 11.16 -14.98
C PRO A 47 -15.69 10.46 -13.95
N SER A 48 -15.79 9.14 -13.92
CA SER A 48 -15.05 8.33 -12.96
C SER A 48 -13.54 8.53 -13.03
N SER A 49 -13.03 8.85 -14.22
CA SER A 49 -11.57 9.09 -14.37
C SER A 49 -11.05 10.26 -13.52
N ARG A 50 -11.96 11.13 -13.07
CA ARG A 50 -11.59 12.31 -12.27
C ARG A 50 -11.55 12.00 -10.75
N ILE A 51 -11.93 10.81 -10.34
CA ILE A 51 -12.12 10.56 -8.90
C ILE A 51 -11.25 9.41 -8.43
N VAL A 52 -10.45 9.69 -7.39
CA VAL A 52 -9.64 8.67 -6.73
C VAL A 52 -9.80 8.79 -5.20
N ALA A 53 -9.52 7.72 -4.47
CA ALA A 53 -9.40 7.77 -3.02
C ALA A 53 -7.94 8.06 -2.64
N ARG A 54 -7.72 9.05 -1.78
CA ARG A 54 -6.36 9.28 -1.26
C ARG A 54 -6.42 9.51 0.24
N ASN A 55 -5.36 9.12 0.92
CA ASN A 55 -5.24 9.35 2.36
C ASN A 55 -4.31 10.55 2.56
N ALA A 56 -4.85 11.63 3.10
CA ALA A 56 -4.13 12.91 3.08
C ALA A 56 -4.80 13.91 4.00
N VAL A 57 -4.14 15.05 4.14
CA VAL A 57 -4.78 16.25 4.70
C VAL A 57 -5.85 16.73 3.71
N GLY A 58 -6.67 17.68 4.16
CA GLY A 58 -7.70 18.27 3.31
C GLY A 58 -7.43 19.75 3.12
N ILE A 59 -8.48 20.57 3.18
CA ILE A 59 -8.30 22.02 3.09
C ILE A 59 -7.73 22.53 4.42
N THR A 60 -7.49 23.83 4.51
CA THR A 60 -7.01 24.44 5.74
C THR A 60 -7.85 23.99 6.95
N HIS A 61 -7.20 23.67 8.05
CA HIS A 61 -7.78 23.10 9.25
C HIS A 61 -8.11 21.63 9.23
N GLN A 62 -8.10 21.04 8.06
CA GLN A 62 -8.23 19.58 7.95
C GLN A 62 -6.83 19.01 7.95
N ASN A 63 -6.24 18.92 9.14
CA ASN A 63 -4.80 18.68 9.26
C ASN A 63 -4.41 17.26 9.58
N THR A 64 -5.38 16.36 9.68
CA THR A 64 -5.07 14.97 9.97
C THR A 64 -5.13 14.17 8.67
N LEU A 65 -4.39 13.06 8.60
CA LEU A 65 -4.49 12.15 7.46
C LEU A 65 -5.82 11.42 7.55
N GLN A 66 -6.66 11.61 6.55
CA GLN A 66 -7.95 10.93 6.48
C GLN A 66 -8.13 10.40 5.09
N TRP A 67 -8.99 9.38 4.94
CA TRP A 67 -9.42 8.91 3.63
C TRP A 67 -10.47 9.82 3.03
N ARG A 68 -10.19 10.32 1.83
CA ARG A 68 -11.02 11.31 1.17
C ARG A 68 -11.12 10.98 -0.31
N CYS A 69 -12.26 11.33 -0.91
CA CYS A 69 -12.50 11.10 -2.34
C CYS A 69 -12.14 12.39 -3.06
N PHE A 70 -11.03 12.37 -3.81
CA PHE A 70 -10.51 13.58 -4.48
C PHE A 70 -10.84 13.63 -5.96
N ASP A 71 -11.18 14.84 -6.41
CA ASP A 71 -11.17 15.20 -7.83
C ASP A 71 -9.71 15.44 -8.21
N THR A 72 -9.19 14.59 -9.10
CA THR A 72 -7.80 14.68 -9.56
C THR A 72 -7.44 16.04 -10.19
N ALA A 73 -8.42 16.68 -10.83
CA ALA A 73 -8.22 18.01 -11.42
C ALA A 73 -7.91 19.08 -10.36
N SER A 74 -8.23 18.81 -9.09
CA SER A 74 -7.96 19.76 -8.02
C SER A 74 -6.64 19.46 -7.27
N LEU A 75 -6.00 18.35 -7.61
CA LEU A 75 -4.73 17.99 -6.99
C LEU A 75 -3.56 18.75 -7.62
N LEU A 76 -2.54 19.03 -6.81
CA LEU A 76 -1.32 19.65 -7.32
C LEU A 76 -0.41 18.55 -7.89
N GLU A 77 0.52 18.92 -8.77
CA GLU A 77 1.51 17.97 -9.31
C GLU A 77 2.55 17.53 -8.25
N SER A 78 2.74 18.34 -7.21
CA SER A 78 3.66 18.06 -6.09
C SER A 78 3.08 18.72 -4.80
N ASN A 79 3.37 18.27 -3.56
CA ASN A 79 4.50 17.44 -3.08
C ASN A 79 5.64 17.05 -4.02
N ASN A 83 1.57 17.98 2.72
CA ASN A 83 0.33 17.93 1.94
C ASN A 83 0.41 16.96 0.75
N GLY A 84 1.28 15.96 0.85
CA GLY A 84 1.31 14.88 -0.14
C GLY A 84 0.04 14.06 -0.01
N VAL A 85 -0.27 13.30 -1.05
CA VAL A 85 -1.36 12.34 -0.96
C VAL A 85 -0.76 10.94 -0.85
N ASN A 86 -1.50 10.05 -0.20
CA ASN A 86 -1.07 8.68 0.00
C ASN A 86 -2.05 7.68 -0.61
N CYS A 87 -1.50 6.63 -1.20
CA CYS A 87 -2.30 5.50 -1.66
CA CYS A 87 -2.29 5.52 -1.68
C CYS A 87 -2.10 4.38 -0.66
N VAL A 88 -2.71 3.22 -0.90
CA VAL A 88 -2.65 2.13 0.08
C VAL A 88 -2.20 0.82 -0.57
N ASP A 89 -1.31 0.09 0.11
CA ASP A 89 -0.90 -1.24 -0.36
C ASP A 89 -1.93 -2.29 0.08
N ASP A 90 -1.75 -3.53 -0.36
CA ASP A 90 -2.74 -4.57 -0.07
C ASP A 90 -2.63 -5.19 1.31
N CYS A 91 -1.75 -4.64 2.13
CA CYS A 91 -1.74 -4.91 3.56
C CYS A 91 -2.28 -3.70 4.36
N GLY A 92 -2.82 -2.73 3.64
CA GLY A 92 -3.52 -1.60 4.27
C GLY A 92 -2.63 -0.48 4.78
N HIS A 93 -1.38 -0.42 4.29
CA HIS A 93 -0.49 0.67 4.69
C HIS A 93 -0.48 1.79 3.69
N THR A 94 -0.58 3.01 4.21
CA THR A 94 -0.60 4.22 3.37
C THR A 94 0.79 4.70 3.02
N ILE A 95 0.97 5.00 1.74
CA ILE A 95 2.28 5.23 1.14
C ILE A 95 2.15 6.38 0.13
N PRO A 96 3.10 7.33 0.14
CA PRO A 96 3.05 8.48 -0.79
C PRO A 96 2.86 8.09 -2.25
N CYS A 97 1.87 8.73 -2.87
CA CYS A 97 1.52 8.61 -4.28
CA CYS A 97 1.75 8.58 -4.31
C CYS A 97 1.75 9.94 -4.97
N PRO A 98 1.80 9.99 -6.32
CA PRO A 98 2.01 11.29 -6.97
C PRO A 98 0.95 12.35 -6.63
N GLY A 99 1.40 13.57 -6.35
CA GLY A 99 0.46 14.67 -6.18
C GLY A 99 0.44 15.29 -4.80
N GLY A 100 -0.29 16.40 -4.69
CA GLY A 100 -0.37 17.13 -3.46
C GLY A 100 -1.75 17.75 -3.34
N VAL A 101 -2.15 18.04 -2.11
CA VAL A 101 -3.43 18.69 -1.83
C VAL A 101 -3.27 20.19 -1.99
N HIS A 102 -4.21 20.84 -2.68
CA HIS A 102 -4.26 22.30 -2.69
C HIS A 102 -5.09 22.74 -1.49
N ARG A 103 -4.43 23.30 -0.47
CA ARG A 103 -5.08 23.52 0.83
C ARG A 103 -6.24 24.51 0.79
N GLN A 104 -6.28 25.33 -0.26
CA GLN A 104 -7.39 26.26 -0.42
C GLN A 104 -8.42 25.75 -1.43
N ASN A 105 -7.94 25.12 -2.51
CA ASN A 105 -8.79 24.82 -3.66
C ASN A 105 -9.14 23.37 -3.86
N SER A 106 -8.86 22.51 -2.88
CA SER A 106 -9.12 21.09 -3.06
C SER A 106 -10.61 20.82 -3.28
N ASN A 107 -10.93 19.94 -4.22
CA ASN A 107 -12.31 19.45 -4.40
C ASN A 107 -12.34 18.00 -3.95
N HIS A 108 -12.82 17.76 -2.73
CA HIS A 108 -12.82 16.41 -2.14
C HIS A 108 -13.99 16.19 -1.19
N ALA A 109 -14.23 14.93 -0.86
CA ALA A 109 -15.26 14.55 0.10
C ALA A 109 -14.60 13.56 1.07
N THR A 110 -14.48 13.95 2.33
CA THR A 110 -13.84 13.11 3.33
C THR A 110 -14.79 11.99 3.70
N ARG A 111 -14.33 10.74 3.62
CA ARG A 111 -15.19 9.58 3.88
C ARG A 111 -14.39 8.55 4.63
N HIS A 112 -13.91 8.94 5.82
CA HIS A 112 -12.89 8.16 6.50
C HIS A 112 -13.40 6.80 6.98
N GLU A 113 -14.66 6.77 7.41
CA GLU A 113 -15.23 5.55 8.02
C GLU A 113 -15.45 4.43 6.98
N ILE A 114 -16.17 4.74 5.90
CA ILE A 114 -16.48 3.73 4.88
C ILE A 114 -15.17 3.25 4.21
N LEU A 115 -14.28 4.19 3.91
CA LEU A 115 -13.03 3.84 3.25
C LEU A 115 -12.09 3.02 4.14
N SER A 116 -12.00 3.39 5.43
CA SER A 116 -11.22 2.60 6.38
C SER A 116 -11.79 1.18 6.54
N LYS A 117 -13.12 1.06 6.52
CA LYS A 117 -13.75 -0.26 6.63
C LYS A 117 -13.41 -1.14 5.44
N LEU A 118 -13.43 -0.54 4.23
CA LEU A 118 -13.05 -1.24 3.00
C LEU A 118 -11.58 -1.69 3.02
N VAL A 119 -10.70 -0.85 3.56
CA VAL A 119 -9.30 -1.26 3.76
C VAL A 119 -9.20 -2.49 4.68
N GLU A 120 -9.82 -2.42 5.86
CA GLU A 120 -9.87 -3.58 6.79
C GLU A 120 -10.35 -4.87 6.13
N GLU A 121 -11.45 -4.80 5.39
CA GLU A 121 -11.96 -5.95 4.64
C GLU A 121 -10.96 -6.46 3.59
N GLY A 122 -10.35 -5.53 2.84
CA GLY A 122 -9.38 -5.84 1.81
C GLY A 122 -8.13 -6.52 2.34
N VAL A 123 -7.65 -6.05 3.49
CA VAL A 123 -6.48 -6.64 4.15
C VAL A 123 -6.67 -8.15 4.39
N GLN A 124 -7.84 -8.53 4.89
CA GLN A 124 -8.14 -9.95 5.11
C GLN A 124 -8.04 -10.76 3.81
N ARG A 125 -8.53 -10.20 2.71
CA ARG A 125 -8.48 -10.87 1.41
C ARG A 125 -7.08 -10.91 0.79
N PHE A 126 -6.37 -9.77 0.82
CA PHE A 126 -5.23 -9.57 -0.07
C PHE A 126 -3.85 -9.54 0.59
N CYS A 127 -3.79 -9.42 1.92
CA CYS A 127 -2.51 -9.24 2.59
C CYS A 127 -1.82 -10.57 2.88
N SER A 128 -0.65 -10.78 2.30
CA SER A 128 0.12 -11.99 2.58
C SER A 128 0.44 -12.14 4.07
N PRO A 129 0.09 -13.28 4.68
CA PRO A 129 0.48 -13.49 6.08
C PRO A 129 2.01 -13.40 6.33
N TYR A 130 2.81 -13.71 5.31
CA TYR A 130 4.27 -13.59 5.41
C TYR A 130 4.68 -12.11 5.47
N GLN A 131 4.09 -11.29 4.61
CA GLN A 131 4.31 -9.83 4.61
C GLN A 131 3.75 -9.20 5.88
N ALA A 132 2.58 -9.66 6.32
CA ALA A 132 1.96 -9.20 7.58
C ALA A 132 2.89 -9.38 8.79
N SER A 133 3.51 -10.55 8.88
CA SER A 133 4.50 -10.85 9.92
C SER A 133 5.72 -9.93 9.86
N ALA A 134 6.24 -9.70 8.65
CA ALA A 134 7.36 -8.77 8.43
C ALA A 134 7.00 -7.34 8.83
N ASN A 135 5.80 -6.90 8.44
CA ASN A 135 5.30 -5.56 8.79
C ASN A 135 5.13 -5.39 10.31
N LYS A 136 4.62 -6.44 10.95
CA LYS A 136 4.39 -6.45 12.41
C LYS A 136 5.70 -6.33 13.17
N TYR A 137 6.70 -7.11 12.75
CA TYR A 137 8.03 -7.01 13.30
C TYR A 137 8.51 -5.56 13.25
N CYS A 138 8.44 -4.96 12.06
CA CYS A 138 8.89 -3.59 11.84
C CYS A 138 8.11 -2.57 12.69
N ASN A 139 6.79 -2.68 12.71
CA ASN A 139 5.97 -1.73 13.48
C ASN A 139 6.20 -1.86 15.00
N ASP A 140 6.38 -3.09 15.46
CA ASP A 140 6.71 -3.34 16.87
C ASP A 140 8.03 -2.68 17.25
N LYS A 141 9.02 -2.79 16.39
CA LYS A 141 10.35 -2.27 16.71
C LYS A 141 10.47 -0.76 16.43
N PHE A 142 9.88 -0.32 15.33
CA PHE A 142 9.93 1.07 14.88
C PHE A 142 8.54 1.49 14.42
N PRO A 143 7.74 2.05 15.35
CA PRO A 143 6.34 2.37 15.06
C PRO A 143 6.14 3.14 13.76
N GLY A 144 5.20 2.69 12.94
CA GLY A 144 4.90 3.36 11.70
C GLY A 144 5.61 2.76 10.49
N THR A 145 6.65 1.97 10.71
CA THR A 145 7.41 1.38 9.58
C THR A 145 6.75 0.15 8.95
N ILE A 146 7.09 -0.10 7.69
CA ILE A 146 6.69 -1.34 7.01
C ILE A 146 7.93 -2.01 6.40
N ALA A 147 7.84 -3.29 6.07
CA ALA A 147 8.98 -4.03 5.54
C ALA A 147 8.98 -4.06 4.01
N ARG A 148 10.14 -3.83 3.41
CA ARG A 148 10.38 -4.08 1.97
C ARG A 148 11.82 -4.54 1.88
N ARG A 149 12.14 -5.29 0.82
CA ARG A 149 13.54 -5.56 0.45
C ARG A 149 13.89 -4.60 -0.67
N SER A 150 14.52 -3.49 -0.32
CA SER A 150 14.69 -2.40 -1.28
C SER A 150 15.97 -1.61 -1.02
N LYS A 151 16.10 -0.43 -1.65
CA LYS A 151 17.34 0.34 -1.62
C LYS A 151 17.46 1.15 -0.34
N GLY A 152 18.70 1.50 0.01
CA GLY A 152 18.97 2.37 1.15
C GLY A 152 19.36 3.76 0.67
N PHE A 153 20.23 4.42 1.43
CA PHE A 153 20.60 5.79 1.13
C PHE A 153 21.76 5.86 0.15
N GLY A 154 21.57 6.56 -0.97
CA GLY A 154 22.69 6.84 -1.89
C GLY A 154 23.33 5.61 -2.51
N ASN A 155 22.51 4.60 -2.77
CA ASN A 155 22.94 3.37 -3.44
C ASN A 155 21.71 2.84 -4.18
N ASN A 156 21.70 2.97 -5.51
CA ASN A 156 20.52 2.54 -6.27
C ASN A 156 20.59 1.09 -6.80
N VAL A 157 21.56 0.33 -6.30
CA VAL A 157 21.68 -1.10 -6.62
C VAL A 157 21.32 -2.05 -5.47
N GLU A 158 21.97 -1.89 -4.33
CA GLU A 158 21.84 -2.87 -3.23
C GLU A 158 20.45 -2.90 -2.61
N VAL A 159 19.90 -4.11 -2.45
CA VAL A 159 18.64 -4.28 -1.72
C VAL A 159 18.90 -5.09 -0.45
N ALA A 160 18.06 -4.85 0.56
CA ALA A 160 18.08 -5.59 1.82
C ALA A 160 16.73 -5.41 2.48
N TRP A 161 16.38 -6.33 3.37
CA TRP A 161 15.17 -6.19 4.15
C TRP A 161 15.36 -5.09 5.20
N ARG A 162 14.50 -4.09 5.13
CA ARG A 162 14.54 -2.95 6.05
C ARG A 162 13.14 -2.59 6.50
N CYS A 163 13.05 -1.96 7.67
CA CYS A 163 11.83 -1.33 8.13
C CYS A 163 11.87 0.12 7.68
N TYR A 164 10.97 0.48 6.76
CA TYR A 164 10.95 1.79 6.13
C TYR A 164 9.86 2.67 6.73
N GLU A 165 10.21 3.91 7.07
CA GLU A 165 9.18 4.91 7.36
C GLU A 165 8.37 5.10 6.08
N LYS A 166 7.04 5.02 6.20
CA LYS A 166 6.19 5.00 5.02
C LYS A 166 6.34 6.26 4.15
N ALA A 167 6.61 7.41 4.79
CA ALA A 167 6.81 8.69 4.11
C ALA A 167 7.99 8.70 3.12
N SER A 168 8.92 7.77 3.31
CA SER A 168 10.14 7.70 2.51
C SER A 168 9.94 6.79 1.29
N LEU A 169 8.81 6.11 1.21
CA LEU A 169 8.51 5.20 0.09
C LEU A 169 7.72 5.85 -1.03
N LEU A 170 7.82 5.26 -2.23
CA LEU A 170 7.12 5.76 -3.39
C LEU A 170 6.21 4.66 -3.90
N TYR A 171 4.91 4.96 -3.91
CA TYR A 171 3.92 3.98 -4.32
C TYR A 171 4.11 3.56 -5.77
N SER A 172 4.54 4.49 -6.61
CA SER A 172 4.76 4.18 -8.03
C SER A 172 6.00 3.30 -8.26
N VAL A 173 6.83 3.11 -7.24
CA VAL A 173 8.01 2.23 -7.37
C VAL A 173 7.73 0.89 -6.67
N TYR A 174 7.77 -0.19 -7.45
CA TYR A 174 7.54 -1.52 -6.87
C TYR A 174 8.84 -2.01 -6.25
N ALA A 175 8.75 -2.67 -5.09
CA ALA A 175 9.94 -3.20 -4.43
C ALA A 175 9.57 -4.57 -3.88
N GLU A 176 10.58 -5.38 -3.61
CA GLU A 176 10.33 -6.75 -3.14
C GLU A 176 9.57 -6.79 -1.83
N CYS A 177 8.61 -7.70 -1.77
CA CYS A 177 7.86 -8.01 -0.56
C CYS A 177 7.62 -9.53 -0.51
N ALA A 178 7.02 -10.03 0.56
CA ALA A 178 6.82 -11.48 0.71
C ALA A 178 5.49 -11.94 0.12
N SER A 179 5.51 -12.95 -0.76
CA SER A 179 4.27 -13.53 -1.26
C SER A 179 3.58 -14.33 -0.16
N ASN A 180 2.36 -14.80 -0.46
CA ASN A 180 1.60 -15.62 0.49
C ASN A 180 2.06 -17.09 0.51
N CYS A 181 3.16 -17.37 -0.19
CA CYS A 181 3.94 -18.60 0.01
C CYS A 181 5.32 -18.34 0.63
N GLY A 182 5.59 -17.09 1.04
CA GLY A 182 6.92 -16.74 1.58
C GLY A 182 8.00 -16.80 0.51
N THR A 183 7.61 -16.41 -0.71
CA THR A 183 8.52 -16.40 -1.86
C THR A 183 8.56 -15.00 -2.43
N THR A 184 9.47 -14.78 -3.39
CA THR A 184 9.66 -13.44 -4.00
C THR A 184 8.36 -12.86 -4.55
N TRP A 185 8.06 -11.61 -4.20
CA TRP A 185 6.90 -10.87 -4.73
C TRP A 185 7.31 -9.41 -4.82
N TYR A 186 6.53 -8.59 -5.51
CA TYR A 186 6.78 -7.13 -5.65
C TYR A 186 5.52 -6.34 -5.34
N CYS A 187 5.69 -5.23 -4.61
CA CYS A 187 4.56 -4.48 -4.06
C CYS A 187 4.81 -3.01 -4.32
N PRO A 188 3.74 -2.19 -4.48
CA PRO A 188 3.95 -0.75 -4.56
C PRO A 188 4.55 -0.24 -3.23
N GLY A 189 5.38 0.78 -3.31
CA GLY A 189 6.03 1.31 -2.11
C GLY A 189 7.47 0.87 -2.07
N GLY A 190 8.33 1.62 -2.76
CA GLY A 190 9.73 1.27 -2.93
C GLY A 190 10.61 2.50 -2.87
N ARG A 191 11.92 2.26 -2.92
CA ARG A 191 12.96 3.29 -2.89
C ARG A 191 13.71 3.34 -4.22
N ARG A 192 14.20 4.54 -4.56
CA ARG A 192 15.02 4.74 -5.74
C ARG A 192 16.51 4.63 -5.42
N GLY A 193 16.87 4.66 -4.14
CA GLY A 193 18.30 4.62 -3.78
C GLY A 193 18.96 5.96 -3.98
N THR A 194 18.17 7.03 -4.02
CA THR A 194 18.70 8.39 -4.19
C THR A 194 19.31 8.90 -2.90
N SER A 195 19.85 10.12 -2.94
CA SER A 195 20.52 10.70 -1.78
C SER A 195 19.76 11.91 -1.19
N THR A 196 18.46 11.78 -0.99
CA THR A 196 17.70 12.82 -0.29
C THR A 196 17.62 12.47 1.20
N GLU A 197 17.26 13.44 2.03
CA GLU A 197 17.04 13.19 3.46
C GLU A 197 16.04 12.05 3.71
N LEU A 198 14.96 12.03 2.93
CA LEU A 198 13.97 10.94 3.03
C LEU A 198 14.58 9.55 2.83
N ASP A 199 15.58 9.45 1.96
CA ASP A 199 16.29 8.19 1.67
C ASP A 199 17.04 7.59 2.85
N LYS A 200 17.14 8.34 3.93
CA LYS A 200 17.76 7.86 5.17
C LYS A 200 16.78 7.20 6.12
N ARG A 201 15.48 7.36 5.87
CA ARG A 201 14.46 7.03 6.85
C ARG A 201 14.04 5.56 6.82
N HIS A 202 14.93 4.72 7.31
CA HIS A 202 14.72 3.27 7.34
C HIS A 202 15.67 2.66 8.37
N TYR A 203 15.42 1.39 8.68
CA TYR A 203 16.25 0.66 9.63
C TYR A 203 16.46 -0.73 9.03
N THR A 204 17.68 -1.02 8.63
CA THR A 204 17.99 -2.30 8.00
C THR A 204 17.92 -3.40 9.06
N GLU A 205 17.12 -4.44 8.79
CA GLU A 205 16.90 -5.51 9.76
C GLU A 205 16.82 -6.87 9.07
N GLU A 206 17.92 -7.31 8.48
CA GLU A 206 17.92 -8.55 7.68
C GLU A 206 17.52 -9.76 8.52
N GLU A 207 18.14 -9.91 9.69
CA GLU A 207 17.94 -11.09 10.55
C GLU A 207 16.55 -11.10 11.15
N GLY A 208 16.13 -9.99 11.73
CA GLY A 208 14.81 -9.87 12.34
C GLY A 208 13.66 -10.03 11.35
N ILE A 209 13.78 -9.44 10.16
CA ILE A 209 12.69 -9.56 9.18
C ILE A 209 12.63 -10.99 8.62
N ARG A 210 13.79 -11.55 8.30
CA ARG A 210 13.85 -12.93 7.80
C ARG A 210 13.28 -13.93 8.79
N GLN A 211 13.56 -13.72 10.08
CA GLN A 211 13.03 -14.55 11.14
C GLN A 211 11.51 -14.40 11.24
N ALA A 212 11.03 -13.16 11.09
CA ALA A 212 9.59 -12.89 11.10
C ALA A 212 8.87 -13.64 9.97
N ILE A 213 9.45 -13.58 8.77
CA ILE A 213 8.89 -14.26 7.60
C ILE A 213 8.96 -15.80 7.81
N GLY A 214 10.09 -16.29 8.29
CA GLY A 214 10.30 -17.72 8.54
C GLY A 214 9.41 -18.31 9.64
N SER A 215 8.89 -17.44 10.50
CA SER A 215 8.08 -17.87 11.64
C SER A 215 6.61 -18.17 11.26
N VAL A 216 6.21 -17.79 10.05
CA VAL A 216 4.83 -17.93 9.60
C VAL A 216 4.56 -19.38 9.21
N ASP A 217 3.43 -19.92 9.67
CA ASP A 217 3.03 -21.28 9.27
C ASP A 217 2.46 -21.30 7.86
N SER A 218 2.87 -22.30 7.07
CA SER A 218 2.39 -22.45 5.69
C SER A 218 0.88 -22.66 5.63
N PRO A 219 0.21 -22.08 4.62
CA PRO A 219 -1.18 -22.41 4.38
C PRO A 219 -1.33 -23.81 3.76
N CYS A 220 -0.23 -24.38 3.29
CA CYS A 220 -0.24 -25.72 2.68
C CYS A 220 0.38 -26.71 3.62
N SER A 221 0.06 -27.98 3.42
CA SER A 221 0.65 -29.06 4.20
C SER A 221 2.07 -29.32 3.74
N GLU A 222 2.75 -30.20 4.46
CA GLU A 222 4.11 -30.59 4.11
C GLU A 222 4.12 -31.43 2.85
N VAL A 223 2.92 -31.79 2.39
CA VAL A 223 2.79 -32.68 1.26
C VAL A 223 2.14 -31.94 0.08
N GLU A 224 2.24 -30.61 0.11
CA GLU A 224 1.71 -29.77 -0.94
C GLU A 224 2.74 -28.71 -1.33
N VAL A 225 2.67 -28.27 -2.59
CA VAL A 225 3.54 -27.22 -3.08
C VAL A 225 2.73 -25.93 -3.10
N CYS A 226 3.29 -24.90 -2.48
CA CYS A 226 2.64 -23.60 -2.40
C CYS A 226 2.96 -22.76 -3.66
N LEU A 227 1.92 -22.44 -4.43
CA LEU A 227 2.05 -21.51 -5.54
C LEU A 227 1.34 -20.20 -5.20
N PRO A 228 2.11 -19.09 -5.06
CA PRO A 228 1.51 -17.85 -4.56
C PRO A 228 0.56 -17.19 -5.52
N LYS A 229 -0.37 -16.42 -4.96
CA LYS A 229 -1.40 -15.69 -5.70
C LYS A 229 -1.52 -14.29 -5.11
N ASP A 230 -2.11 -13.36 -5.87
CA ASP A 230 -2.26 -11.97 -5.43
C ASP A 230 -3.45 -11.78 -4.45
N GLU A 231 -4.08 -12.89 -4.06
CA GLU A 231 -5.13 -12.94 -3.06
C GLU A 231 -4.97 -14.22 -2.25
N ASN A 232 -5.38 -14.20 -0.98
CA ASN A 232 -5.35 -15.38 -0.11
C ASN A 232 -6.57 -16.27 -0.39
N PRO A 233 -6.42 -17.61 -0.27
CA PRO A 233 -5.19 -18.34 -0.01
C PRO A 233 -4.38 -18.60 -1.31
N PRO A 234 -3.09 -18.98 -1.17
CA PRO A 234 -2.37 -19.38 -2.38
C PRO A 234 -2.84 -20.76 -2.83
N LEU A 235 -2.33 -21.22 -3.97
CA LEU A 235 -2.62 -22.56 -4.44
C LEU A 235 -1.73 -23.57 -3.71
N CYS A 236 -2.36 -24.60 -3.13
CA CYS A 236 -1.62 -25.73 -2.57
C CYS A 236 -1.87 -26.95 -3.44
N LEU A 237 -0.87 -27.31 -4.23
CA LEU A 237 -0.99 -28.44 -5.14
C LEU A 237 -0.35 -29.65 -4.50
N ASP A 238 -1.00 -30.80 -4.62
CA ASP A 238 -0.43 -32.05 -4.12
C ASP A 238 0.95 -32.21 -4.73
N GLU A 239 1.91 -32.51 -3.88
CA GLU A 239 3.27 -32.73 -4.30
C GLU A 239 3.29 -33.89 -5.29
N SER A 240 4.19 -33.82 -6.24
CA SER A 240 4.33 -34.88 -7.23
C SER A 240 4.93 -36.12 -6.59
N GLY A 241 4.38 -37.29 -6.92
CA GLY A 241 4.86 -38.54 -6.37
C GLY A 241 6.17 -39.02 -6.97
N GLN A 242 6.71 -40.08 -6.39
CA GLN A 242 7.86 -40.78 -6.97
C GLN A 242 7.34 -41.64 -8.13
N ILE A 243 6.79 -40.97 -9.15
CA ILE A 243 6.20 -41.62 -10.30
C ILE A 243 7.26 -42.24 -11.20
#